data_2DEI
#
_entry.id   2DEI
#
_cell.length_a   106.333
_cell.length_b   39.067
_cell.length_c   81.418
_cell.angle_alpha   90.00
_cell.angle_beta   109.50
_cell.angle_gamma   90.00
#
_symmetry.space_group_name_H-M   'C 1 2 1'
#
loop_
_entity.id
_entity.type
_entity.pdbx_description
1 polymer 'Probable galactokinase'
2 non-polymer alpha-D-galactopyranose
3 non-polymer "MAGNESIUM-5'-ADENYLY-IMIDO-TRIPHOSPHATE"
4 water water
#
_entity_poly.entity_id   1
_entity_poly.type   'polypeptide(L)'
_entity_poly.pdbx_seq_one_letter_code
;MIKVKSPGRVNLIGEHTDYTYGYVMPMAINLYTKIEAEKHGEVILYSEHFGEERKFSLNDLRKENSWIDYVKGIFWVLKE
SDYEVGGIKGRVSGNLPLGAGLSSSASFEVGILETLDKLYNLKLDSLSKVLLAKKAENEFVGVPCGILDQFAVVFGREGN
VIFLDTHTLDYEYIPFPKDVSILVFYTGVRRELASSEYAERKHIAEESLKILGKGSSKEVREGELSKLPPLHRKFFGYIV
RENARVLEVRDALKEGNVEEVGKILTTAHWDLAKNYEVSCKELDFFVERALKLGAYGARLTGAGFGGSAIALVDKEDAET
IGEEILREYLKRFPWKARHFIVEPSDGVGI
;
_entity_poly.pdbx_strand_id   A
#
# COMPACT_ATOMS: atom_id res chain seq x y z
N MET A 1 18.98 15.29 17.86
CA MET A 1 18.00 14.19 17.65
C MET A 1 16.78 14.71 16.91
N ILE A 2 16.31 13.94 15.94
CA ILE A 2 15.05 14.25 15.26
C ILE A 2 14.11 13.05 15.35
N LYS A 3 12.82 13.34 15.24
CA LYS A 3 11.77 12.33 15.23
C LYS A 3 10.95 12.46 13.95
N VAL A 4 10.83 11.35 13.22
CA VAL A 4 10.06 11.31 11.98
C VAL A 4 8.89 10.39 12.23
N LYS A 5 7.71 10.72 11.70
CA LYS A 5 6.59 9.78 11.72
C LYS A 5 6.22 9.49 10.27
N SER A 6 6.21 8.21 9.89
CA SER A 6 5.92 7.81 8.52
C SER A 6 4.69 6.89 8.51
N PRO A 7 3.64 7.28 7.79
CA PRO A 7 2.43 6.49 7.90
C PRO A 7 2.50 5.23 7.06
N GLY A 8 1.58 4.30 7.34
CA GLY A 8 1.30 3.26 6.39
C GLY A 8 0.27 3.72 5.38
N ARG A 9 -0.30 2.78 4.64
CA ARG A 9 -1.28 3.15 3.61
C ARG A 9 -2.38 2.09 3.41
N VAL A 10 -3.52 2.56 2.90
CA VAL A 10 -4.58 1.67 2.45
C VAL A 10 -4.92 2.14 1.03
N ASN A 11 -5.17 1.20 0.12
CA ASN A 11 -5.65 1.56 -1.21
C ASN A 11 -7.16 1.45 -1.20
N LEU A 12 -7.84 2.52 -1.59
CA LEU A 12 -9.30 2.52 -1.61
C LEU A 12 -9.84 1.72 -2.80
N ILE A 13 -9.28 1.99 -3.97
CA ILE A 13 -9.71 1.33 -5.20
C ILE A 13 -8.54 1.50 -6.16
N GLY A 14 -8.46 0.65 -7.18
CA GLY A 14 -7.32 0.69 -8.10
C GLY A 14 -6.26 -0.33 -7.70
N GLU A 15 -6.67 -1.58 -7.62
CA GLU A 15 -5.78 -2.65 -7.18
C GLU A 15 -5.27 -3.40 -8.41
N HIS A 16 -3.97 -3.71 -8.39
CA HIS A 16 -3.30 -4.41 -9.49
C HIS A 16 -3.44 -3.63 -10.79
N THR A 17 -3.41 -2.30 -10.69
CA THR A 17 -3.38 -1.45 -11.87
C THR A 17 -2.04 -0.70 -12.02
N ASP A 18 -1.31 -0.51 -10.92
CA ASP A 18 -0.12 0.35 -10.98
C ASP A 18 1.04 -0.18 -11.86
N TYR A 19 1.22 -1.49 -11.93
CA TYR A 19 2.27 -2.05 -12.79
C TYR A 19 1.91 -2.12 -14.29
N THR A 20 0.69 -1.73 -14.64
CA THR A 20 0.39 -1.41 -16.06
C THR A 20 0.10 0.07 -16.25
N TYR A 21 0.53 0.88 -15.30
CA TYR A 21 0.40 2.33 -15.41
C TYR A 21 -1.04 2.80 -15.48
N GLY A 22 -1.89 2.20 -14.65
CA GLY A 22 -3.30 2.59 -14.57
C GLY A 22 -3.56 3.59 -13.45
N TYR A 23 -4.82 3.66 -13.03
CA TYR A 23 -5.23 4.58 -11.97
C TYR A 23 -5.27 3.90 -10.60
N VAL A 24 -4.88 4.66 -9.58
CA VAL A 24 -4.94 4.16 -8.21
C VAL A 24 -5.50 5.23 -7.31
N MET A 25 -6.01 4.82 -6.15
CA MET A 25 -6.57 5.78 -5.19
C MET A 25 -6.28 5.42 -3.71
N PRO A 26 -5.03 5.58 -3.26
CA PRO A 26 -4.65 5.28 -1.90
C PRO A 26 -4.78 6.45 -0.95
N MET A 27 -4.59 6.17 0.33
CA MET A 27 -4.52 7.21 1.35
C MET A 27 -3.45 6.79 2.32
N ALA A 28 -2.77 7.77 2.93
CA ALA A 28 -1.95 7.46 4.11
C ALA A 28 -2.91 7.27 5.27
N ILE A 29 -2.55 6.38 6.19
CA ILE A 29 -3.41 6.14 7.36
C ILE A 29 -2.68 6.51 8.63
N ASN A 30 -3.43 6.62 9.73
CA ASN A 30 -2.88 7.06 11.01
C ASN A 30 -2.35 5.92 11.87
N LEU A 31 -1.51 5.10 11.25
CA LEU A 31 -0.72 4.08 11.93
C LEU A 31 0.67 4.30 11.36
N TYR A 32 1.70 4.28 12.21
CA TYR A 32 2.98 4.90 11.84
C TYR A 32 4.18 4.06 12.17
N THR A 33 5.25 4.21 11.37
CA THR A 33 6.60 3.88 11.79
C THR A 33 7.17 5.16 12.38
N LYS A 34 7.81 5.08 13.55
CA LYS A 34 8.40 6.25 14.17
C LYS A 34 9.90 6.00 14.23
N ILE A 35 10.69 7.02 13.89
CA ILE A 35 12.15 6.89 13.92
C ILE A 35 12.67 8.10 14.69
N GLU A 36 13.47 7.82 15.71
CA GLU A 36 14.11 8.89 16.49
C GLU A 36 15.58 8.68 16.26
N ALA A 37 16.29 9.65 15.68
CA ALA A 37 17.69 9.38 15.32
C ALA A 37 18.57 10.62 15.31
N GLU A 38 19.89 10.40 15.35
CA GLU A 38 20.89 11.45 15.28
C GLU A 38 22.02 10.97 14.36
N LYS A 39 22.92 11.89 14.01
CA LYS A 39 24.03 11.54 13.13
C LYS A 39 24.96 10.60 13.87
N HIS A 40 25.63 9.73 13.12
CA HIS A 40 26.61 8.80 13.69
C HIS A 40 27.61 8.39 12.62
N GLY A 41 28.74 7.83 13.03
CA GLY A 41 29.77 7.38 12.07
C GLY A 41 29.36 6.14 11.30
N GLU A 42 28.52 5.31 11.91
CA GLU A 42 27.98 4.16 11.18
C GLU A 42 26.48 4.13 11.33
N VAL A 43 25.84 3.04 10.91
CA VAL A 43 24.39 2.98 11.00
C VAL A 43 24.02 1.99 12.06
N ILE A 44 23.36 2.49 13.11
CA ILE A 44 22.96 1.64 14.24
C ILE A 44 21.49 1.90 14.52
N LEU A 45 20.67 0.88 14.38
CA LEU A 45 19.25 1.05 14.64
C LEU A 45 18.71 -0.08 15.51
N TYR A 46 17.92 0.29 16.49
CA TYR A 46 17.17 -0.66 17.32
C TYR A 46 15.74 -0.67 16.83
N SER A 47 15.26 -1.85 16.46
CA SER A 47 13.87 -2.03 16.08
C SER A 47 13.06 -2.59 17.24
N GLU A 48 12.14 -1.79 17.78
CA GLU A 48 11.24 -2.30 18.83
C GLU A 48 10.43 -3.51 18.37
N HIS A 49 9.98 -3.55 17.11
CA HIS A 49 9.21 -4.71 16.68
C HIS A 49 9.99 -6.02 16.85
N PHE A 50 11.24 -6.03 16.39
CA PHE A 50 12.11 -7.20 16.49
C PHE A 50 12.83 -7.35 17.82
N GLY A 51 12.84 -6.30 18.63
CA GLY A 51 13.55 -6.33 19.90
C GLY A 51 15.04 -6.52 19.72
N GLU A 52 15.60 -5.85 18.72
CA GLU A 52 17.01 -6.04 18.43
C GLU A 52 17.65 -4.86 17.72
N GLU A 53 18.97 -4.76 17.90
CA GLU A 53 19.78 -3.76 17.20
C GLU A 53 20.49 -4.43 16.05
N ARG A 54 20.48 -3.76 14.91
CA ARG A 54 21.29 -4.18 13.78
C ARG A 54 22.07 -2.96 13.31
N LYS A 55 23.28 -3.20 12.83
CA LYS A 55 24.15 -2.11 12.46
C LYS A 55 24.93 -2.47 11.23
N PHE A 56 25.44 -1.46 10.53
CA PHE A 56 26.41 -1.69 9.46
C PHE A 56 27.28 -0.47 9.28
N SER A 57 28.51 -0.69 8.82
CA SER A 57 29.38 0.41 8.41
C SER A 57 28.78 1.01 7.15
N LEU A 58 28.95 2.32 6.94
CA LEU A 58 28.55 2.92 5.65
C LEU A 58 29.24 2.25 4.46
N ASN A 59 30.37 1.63 4.72
CA ASN A 59 31.10 0.87 3.69
C ASN A 59 30.37 -0.37 3.25
N ASP A 60 29.40 -0.80 4.04
CA ASP A 60 28.89 -2.15 3.93
C ASP A 60 27.44 -2.18 3.57
N LEU A 61 27.16 -2.04 2.28
CA LEU A 61 25.78 -2.12 1.79
C LEU A 61 25.49 -3.48 1.17
N ARG A 62 26.13 -4.51 1.69
CA ARG A 62 25.86 -5.88 1.26
C ARG A 62 24.53 -6.33 1.85
N LYS A 63 23.69 -7.00 1.05
CA LYS A 63 22.46 -7.62 1.55
C LYS A 63 22.73 -8.65 2.64
N GLU A 64 21.94 -8.61 3.70
CA GLU A 64 22.12 -9.51 4.83
C GLU A 64 20.89 -10.41 5.00
N ASN A 65 19.89 -10.22 4.16
CA ASN A 65 18.62 -10.96 4.24
C ASN A 65 17.96 -10.84 5.61
N SER A 66 17.86 -9.60 6.09
CA SER A 66 17.14 -9.28 7.31
C SER A 66 16.53 -7.90 7.11
N TRP A 67 15.81 -7.43 8.13
CA TRP A 67 15.10 -6.16 8.06
C TRP A 67 16.06 -4.99 7.82
N ILE A 68 17.33 -5.15 8.20
CA ILE A 68 18.29 -4.08 8.01
C ILE A 68 18.48 -3.79 6.50
N ASP A 69 18.18 -4.76 5.63
CA ASP A 69 18.24 -4.51 4.17
C ASP A 69 17.40 -3.33 3.68
N TYR A 70 16.29 -3.01 4.37
CA TYR A 70 15.44 -1.90 3.95
C TYR A 70 16.16 -0.61 4.24
N VAL A 71 16.97 -0.62 5.30
CA VAL A 71 17.78 0.55 5.62
C VAL A 71 18.96 0.67 4.65
N LYS A 72 19.67 -0.42 4.42
CA LYS A 72 20.79 -0.41 3.46
C LYS A 72 20.34 0.02 2.09
N GLY A 73 19.12 -0.36 1.70
CA GLY A 73 18.61 -0.03 0.37
C GLY A 73 18.50 1.47 0.21
N ILE A 74 18.11 2.17 1.28
CA ILE A 74 18.05 3.64 1.22
C ILE A 74 19.43 4.27 1.08
N PHE A 75 20.38 3.84 1.91
CA PHE A 75 21.77 4.28 1.72
C PHE A 75 22.31 3.96 0.33
N TRP A 76 21.99 2.78 -0.18
CA TRP A 76 22.39 2.40 -1.54
C TRP A 76 21.82 3.33 -2.62
N VAL A 77 20.53 3.61 -2.56
CA VAL A 77 19.94 4.43 -3.60
C VAL A 77 20.45 5.88 -3.54
N LEU A 78 20.75 6.35 -2.33
CA LEU A 78 21.28 7.70 -2.20
C LEU A 78 22.68 7.78 -2.79
N LYS A 79 23.51 6.78 -2.49
CA LYS A 79 24.86 6.69 -3.09
C LYS A 79 24.80 6.61 -4.62
N GLU A 80 23.88 5.78 -5.12
CA GLU A 80 23.73 5.55 -6.57
C GLU A 80 23.16 6.77 -7.27
N SER A 81 22.48 7.62 -6.51
CA SER A 81 21.92 8.82 -7.07
C SER A 81 22.77 10.05 -6.74
N ASP A 82 23.99 9.83 -6.25
CA ASP A 82 24.99 10.88 -6.12
C ASP A 82 24.72 11.85 -4.95
N TYR A 83 24.37 11.28 -3.79
CA TYR A 83 24.23 12.05 -2.56
C TYR A 83 25.27 11.53 -1.59
N GLU A 84 25.81 12.43 -0.78
CA GLU A 84 26.75 12.01 0.27
C GLU A 84 26.00 12.15 1.59
N VAL A 85 25.79 11.04 2.28
CA VAL A 85 25.19 11.12 3.60
C VAL A 85 26.08 10.32 4.56
N GLY A 86 25.95 10.64 5.82
CA GLY A 86 26.69 9.93 6.85
C GLY A 86 25.79 8.93 7.55
N GLY A 87 26.28 8.38 8.65
CA GLY A 87 25.51 7.38 9.38
C GLY A 87 24.46 7.99 10.27
N ILE A 88 23.71 7.12 10.93
CA ILE A 88 22.65 7.51 11.88
C ILE A 88 22.61 6.48 12.98
N LYS A 89 22.23 6.93 14.17
CA LYS A 89 21.96 6.04 15.31
C LYS A 89 20.58 6.37 15.88
N GLY A 90 19.77 5.35 16.07
CA GLY A 90 18.45 5.63 16.59
C GLY A 90 17.55 4.44 16.79
N ARG A 91 16.28 4.75 16.97
CA ARG A 91 15.31 3.76 17.42
C ARG A 91 14.11 3.80 16.50
N VAL A 92 13.68 2.63 16.08
CA VAL A 92 12.51 2.47 15.18
C VAL A 92 11.37 1.84 16.00
N SER A 93 10.25 2.56 16.04
CA SER A 93 9.09 2.11 16.81
C SER A 93 7.81 2.46 16.05
N GLY A 94 6.70 2.60 16.78
CA GLY A 94 5.43 2.89 16.15
C GLY A 94 4.39 1.81 16.24
N ASN A 95 3.21 2.11 15.73
CA ASN A 95 2.05 1.21 15.85
C ASN A 95 1.55 0.61 14.54
N LEU A 96 2.33 0.75 13.47
CA LEU A 96 1.96 0.16 12.19
C LEU A 96 2.31 -1.34 12.23
N PRO A 97 1.30 -2.22 12.04
CA PRO A 97 1.61 -3.66 12.13
C PRO A 97 2.49 -4.12 10.98
N LEU A 98 3.41 -5.03 11.28
CA LEU A 98 4.35 -5.48 10.27
C LEU A 98 3.80 -6.63 9.48
N GLY A 99 3.92 -6.53 8.16
CA GLY A 99 3.59 -7.62 7.23
C GLY A 99 2.11 -7.87 7.17
N ALA A 100 1.33 -6.85 7.50
CA ALA A 100 -0.13 -6.94 7.50
C ALA A 100 -0.78 -6.42 6.21
N GLY A 101 0.02 -5.98 5.24
CA GLY A 101 -0.52 -5.44 3.99
C GLY A 101 -0.86 -3.96 4.06
N LEU A 102 -0.27 -3.27 5.02
CA LEU A 102 -0.50 -1.85 5.17
C LEU A 102 0.75 -1.05 4.80
N SER A 103 1.66 -1.71 4.12
CA SER A 103 2.94 -1.14 3.64
C SER A 103 3.90 -0.70 4.72
N SER A 104 4.22 -1.60 5.63
CA SER A 104 5.29 -1.29 6.57
C SER A 104 6.62 -1.16 5.81
N SER A 105 6.77 -1.81 4.65
CA SER A 105 8.02 -1.62 3.87
C SER A 105 8.17 -0.18 3.37
N ALA A 106 7.13 0.33 2.71
CA ALA A 106 7.20 1.71 2.20
C ALA A 106 7.23 2.72 3.38
N SER A 107 6.44 2.45 4.42
CA SER A 107 6.49 3.29 5.61
C SER A 107 7.91 3.42 6.18
N PHE A 108 8.54 2.29 6.43
CA PHE A 108 9.91 2.21 6.96
C PHE A 108 10.93 2.84 6.01
N GLU A 109 10.90 2.45 4.74
CA GLU A 109 11.86 2.97 3.75
C GLU A 109 11.81 4.49 3.66
N VAL A 110 10.60 5.01 3.51
CA VAL A 110 10.37 6.44 3.39
C VAL A 110 10.75 7.14 4.71
N GLY A 111 10.49 6.46 5.84
CA GLY A 111 10.83 7.05 7.14
C GLY A 111 12.34 7.24 7.26
N ILE A 112 13.10 6.22 6.85
CA ILE A 112 14.59 6.30 6.88
C ILE A 112 15.08 7.39 5.94
N LEU A 113 14.50 7.44 4.76
CA LEU A 113 14.88 8.49 3.78
C LEU A 113 14.62 9.87 4.36
N GLU A 114 13.49 10.03 5.01
CA GLU A 114 13.12 11.32 5.57
C GLU A 114 14.04 11.70 6.71
N THR A 115 14.45 10.70 7.47
CA THR A 115 15.40 10.92 8.57
C THR A 115 16.72 11.45 8.03
N LEU A 116 17.21 10.83 6.96
CA LEU A 116 18.46 11.25 6.33
C LEU A 116 18.30 12.61 5.68
N ASP A 117 17.13 12.86 5.08
CA ASP A 117 16.87 14.14 4.42
C ASP A 117 16.99 15.26 5.42
N LYS A 118 16.45 15.02 6.63
CA LYS A 118 16.43 16.06 7.65
C LYS A 118 17.78 16.22 8.32
N LEU A 119 18.39 15.11 8.72
CA LEU A 119 19.69 15.18 9.40
C LEU A 119 20.78 15.77 8.52
N TYR A 120 20.77 15.41 7.22
CA TYR A 120 21.86 15.78 6.31
C TYR A 120 21.49 16.93 5.38
N ASN A 121 20.31 17.50 5.60
CA ASN A 121 19.86 18.66 4.82
C ASN A 121 19.77 18.44 3.31
N LEU A 122 19.25 17.31 2.87
CA LEU A 122 19.28 16.94 1.46
C LEU A 122 18.29 17.75 0.62
N LYS A 123 17.27 18.29 1.29
CA LYS A 123 16.18 19.06 0.67
C LYS A 123 15.58 18.35 -0.53
N LEU A 124 15.26 17.06 -0.36
CA LEU A 124 14.59 16.28 -1.39
C LEU A 124 13.17 16.78 -1.62
N ASP A 125 12.78 16.88 -2.87
CA ASP A 125 11.36 17.09 -3.17
C ASP A 125 10.54 15.82 -2.96
N SER A 126 9.23 15.98 -2.80
CA SER A 126 8.37 14.81 -2.52
C SER A 126 8.45 13.71 -3.57
N LEU A 127 8.40 14.08 -4.85
CA LEU A 127 8.44 13.06 -5.90
C LEU A 127 9.77 12.28 -5.85
N SER A 128 10.87 12.99 -5.66
CA SER A 128 12.16 12.32 -5.52
C SER A 128 12.15 11.29 -4.39
N LYS A 129 11.50 11.64 -3.27
CA LYS A 129 11.40 10.72 -2.14
C LYS A 129 10.69 9.41 -2.56
N VAL A 130 9.60 9.57 -3.30
CA VAL A 130 8.84 8.43 -3.79
C VAL A 130 9.69 7.59 -4.70
N LEU A 131 10.31 8.21 -5.69
CA LEU A 131 11.12 7.43 -6.68
C LEU A 131 12.35 6.73 -6.07
N LEU A 132 13.02 7.41 -5.14
CA LEU A 132 14.21 6.83 -4.50
C LEU A 132 13.80 5.62 -3.67
N ALA A 133 12.72 5.77 -2.90
CA ALA A 133 12.21 4.67 -2.06
C ALA A 133 11.76 3.48 -2.88
N LYS A 134 11.06 3.74 -3.97
CA LYS A 134 10.66 2.68 -4.89
C LYS A 134 11.86 1.97 -5.48
N LYS A 135 12.87 2.74 -5.89
CA LYS A 135 14.06 2.19 -6.50
C LYS A 135 14.82 1.30 -5.51
N ALA A 136 14.90 1.74 -4.26
CA ALA A 136 15.54 0.93 -3.23
C ALA A 136 14.83 -0.41 -3.06
N GLU A 137 13.50 -0.37 -3.00
CA GLU A 137 12.74 -1.61 -2.79
C GLU A 137 12.87 -2.51 -4.00
N ASN A 138 12.75 -1.95 -5.21
CA ASN A 138 12.82 -2.80 -6.43
C ASN A 138 14.20 -3.39 -6.65
N GLU A 139 15.23 -2.54 -6.56
CA GLU A 139 16.55 -2.90 -7.06
C GLU A 139 17.51 -3.41 -5.97
N PHE A 140 17.35 -2.92 -4.75
CA PHE A 140 18.18 -3.41 -3.67
C PHE A 140 17.52 -4.55 -2.90
N VAL A 141 16.33 -4.31 -2.36
CA VAL A 141 15.64 -5.33 -1.59
C VAL A 141 15.18 -6.46 -2.49
N GLY A 142 14.77 -6.09 -3.71
CA GLY A 142 14.40 -7.05 -4.74
C GLY A 142 12.93 -7.41 -4.72
N VAL A 143 12.09 -6.52 -4.20
CA VAL A 143 10.65 -6.75 -4.22
C VAL A 143 10.05 -5.92 -5.37
N PRO A 144 9.49 -6.64 -6.36
N PRO A 144 9.24 -6.52 -6.27
CA PRO A 144 8.77 -6.00 -7.41
CA PRO A 144 8.85 -5.73 -7.45
C PRO A 144 7.57 -5.32 -6.80
C PRO A 144 7.56 -4.85 -7.37
N CYS A 145 7.26 -4.15 -7.32
N CYS A 145 7.43 -4.00 -6.35
CA CYS A 145 6.17 -3.42 -6.80
CA CYS A 145 6.25 -3.11 -6.18
C CYS A 145 6.03 -2.26 -7.72
C CYS A 145 6.11 -2.02 -7.27
N GLY A 146 4.86 -1.65 -7.63
CA GLY A 146 4.59 -0.45 -8.43
C GLY A 146 4.78 0.74 -7.52
N ILE A 147 4.19 1.88 -7.87
CA ILE A 147 4.46 3.13 -7.16
C ILE A 147 3.44 3.44 -6.04
N LEU A 148 2.34 2.70 -6.01
CA LEU A 148 1.21 2.96 -5.10
C LEU A 148 1.60 3.27 -3.65
N ASP A 149 2.38 2.37 -3.06
CA ASP A 149 2.68 2.41 -1.64
C ASP A 149 3.51 3.65 -1.30
N GLN A 150 4.61 3.83 -2.02
CA GLN A 150 5.52 4.94 -1.75
C GLN A 150 4.84 6.28 -1.97
N PHE A 151 4.01 6.36 -3.01
CA PHE A 151 3.31 7.60 -3.30
C PHE A 151 2.38 8.02 -2.16
N ALA A 152 1.61 7.08 -1.63
CA ALA A 152 0.67 7.36 -0.54
C ALA A 152 1.39 7.84 0.71
N VAL A 153 2.48 7.14 1.06
CA VAL A 153 3.20 7.41 2.30
C VAL A 153 3.81 8.80 2.27
N VAL A 154 4.21 9.25 1.08
CA VAL A 154 4.79 10.59 0.94
C VAL A 154 3.73 11.68 0.76
N PHE A 155 2.78 11.43 -0.15
CA PHE A 155 1.85 12.45 -0.60
C PHE A 155 0.54 12.53 0.15
N GLY A 156 0.33 11.64 1.13
CA GLY A 156 -0.93 11.67 1.88
C GLY A 156 -1.25 13.04 2.47
N ARG A 157 -2.55 13.36 2.51
CA ARG A 157 -3.06 14.55 3.20
C ARG A 157 -4.25 14.20 4.07
N GLU A 158 -4.22 14.69 5.31
CA GLU A 158 -5.29 14.43 6.30
C GLU A 158 -6.64 14.70 5.68
N GLY A 159 -7.56 13.76 5.85
CA GLY A 159 -8.94 13.92 5.36
C GLY A 159 -9.16 13.68 3.87
N ASN A 160 -8.08 13.34 3.15
CA ASN A 160 -8.13 13.13 1.72
C ASN A 160 -7.57 11.79 1.28
N VAL A 161 -8.12 11.30 0.17
CA VAL A 161 -7.50 10.21 -0.59
C VAL A 161 -6.78 10.83 -1.79
N ILE A 162 -5.93 10.04 -2.43
CA ILE A 162 -5.17 10.55 -3.58
C ILE A 162 -5.62 9.87 -4.83
N PHE A 163 -6.12 10.61 -5.80
CA PHE A 163 -6.36 10.01 -7.11
C PHE A 163 -5.09 10.18 -7.91
N LEU A 164 -4.48 9.05 -8.33
CA LEU A 164 -3.19 9.07 -9.03
C LEU A 164 -3.24 8.35 -10.37
N ASP A 165 -2.75 9.05 -11.40
CA ASP A 165 -2.49 8.43 -12.69
C ASP A 165 -1.04 7.96 -12.65
N THR A 166 -0.81 6.65 -12.56
CA THR A 166 0.57 6.16 -12.36
C THR A 166 1.43 6.20 -13.63
N HIS A 167 0.82 6.54 -14.77
CA HIS A 167 1.56 6.69 -16.00
C HIS A 167 2.23 8.05 -16.05
N THR A 168 1.46 9.09 -15.73
CA THR A 168 1.95 10.47 -15.84
C THR A 168 2.42 11.05 -14.51
N LEU A 169 2.04 10.40 -13.41
CA LEU A 169 2.19 10.93 -12.05
C LEU A 169 1.41 12.22 -11.75
N ASP A 170 0.43 12.55 -12.58
CA ASP A 170 -0.56 13.57 -12.24
C ASP A 170 -1.45 13.02 -11.11
N TYR A 171 -1.80 13.86 -10.16
CA TYR A 171 -2.60 13.40 -9.01
C TYR A 171 -3.51 14.52 -8.50
N GLU A 172 -4.52 14.15 -7.74
CA GLU A 172 -5.54 15.08 -7.25
C GLU A 172 -5.92 14.60 -5.86
N TYR A 173 -6.12 15.54 -4.93
CA TYR A 173 -6.65 15.14 -3.64
C TYR A 173 -8.16 15.15 -3.67
N ILE A 174 -8.76 14.14 -3.08
CA ILE A 174 -10.21 14.09 -3.02
C ILE A 174 -10.61 13.89 -1.57
N PRO A 175 -11.44 14.80 -1.01
CA PRO A 175 -11.95 14.64 0.34
C PRO A 175 -12.67 13.31 0.58
N PHE A 176 -12.42 12.74 1.75
CA PHE A 176 -13.08 11.54 2.19
C PHE A 176 -14.23 11.96 3.13
N PRO A 177 -15.38 11.26 3.07
CA PRO A 177 -16.52 11.80 3.85
C PRO A 177 -16.34 11.80 5.37
N LYS A 178 -17.07 12.73 5.98
N LYS A 178 -16.87 12.79 6.08
CA LYS A 178 -17.20 12.84 7.40
CA LYS A 178 -16.59 12.97 7.52
C LYS A 178 -17.93 11.62 7.96
C LYS A 178 -16.99 11.81 8.45
N ASP A 179 -17.43 11.15 9.10
N ASP A 179 -18.16 11.24 8.22
CA ASP A 179 -18.08 10.11 9.89
CA ASP A 179 -18.78 10.30 9.17
C ASP A 179 -18.31 8.80 9.14
C ASP A 179 -18.64 8.86 8.71
N VAL A 180 -17.47 8.59 8.12
N VAL A 180 -17.64 8.63 7.88
CA VAL A 180 -17.36 7.29 7.47
CA VAL A 180 -17.33 7.28 7.43
C VAL A 180 -15.98 6.77 7.79
C VAL A 180 -15.98 6.89 8.02
N SER A 181 -15.91 5.68 8.55
CA SER A 181 -14.65 5.10 8.97
C SER A 181 -14.20 4.04 8.01
N ILE A 182 -12.89 3.92 7.88
CA ILE A 182 -12.28 2.78 7.24
C ILE A 182 -11.96 1.75 8.30
N LEU A 183 -12.71 0.64 8.28
CA LEU A 183 -12.42 -0.49 9.19
C LEU A 183 -11.42 -1.39 8.49
N VAL A 184 -10.23 -1.55 9.07
CA VAL A 184 -9.18 -2.41 8.50
C VAL A 184 -9.22 -3.75 9.23
N PHE A 185 -9.23 -4.85 8.48
CA PHE A 185 -9.24 -6.19 9.08
C PHE A 185 -8.04 -6.98 8.55
N TYR A 186 -7.10 -7.25 9.45
CA TYR A 186 -5.94 -8.06 9.10
C TYR A 186 -6.31 -9.52 9.36
N THR A 187 -6.21 -10.35 8.32
CA THR A 187 -6.64 -11.74 8.38
C THR A 187 -5.70 -12.58 9.25
N GLY A 188 -4.47 -12.08 9.45
CA GLY A 188 -3.47 -12.86 10.20
C GLY A 188 -2.71 -13.79 9.27
N VAL A 189 -3.08 -13.74 7.99
CA VAL A 189 -2.40 -14.52 6.95
C VAL A 189 -1.35 -13.58 6.33
N ARG A 190 -0.07 -13.91 6.49
CA ARG A 190 0.99 -13.06 5.93
C ARG A 190 1.08 -13.23 4.41
N ARG A 191 0.90 -12.13 3.70
CA ARG A 191 0.75 -12.13 2.24
C ARG A 191 2.06 -12.48 1.53
N GLU A 192 3.16 -12.34 2.26
CA GLU A 192 4.50 -12.53 1.73
C GLU A 192 4.68 -13.95 1.21
N LEU A 193 3.85 -14.88 1.68
CA LEU A 193 3.93 -16.29 1.29
C LEU A 193 3.68 -16.50 -0.21
N ALA A 194 2.84 -15.65 -0.79
CA ALA A 194 2.51 -15.73 -2.22
C ALA A 194 3.08 -14.56 -3.06
N SER A 195 4.34 -14.19 -2.79
CA SER A 195 5.00 -13.13 -3.57
C SER A 195 5.28 -13.59 -5.01
N SER A 196 5.44 -14.89 -5.20
CA SER A 196 5.61 -15.42 -6.55
C SER A 196 4.34 -15.19 -7.36
N GLU A 197 3.17 -15.26 -6.71
CA GLU A 197 1.90 -15.01 -7.40
C GLU A 197 1.82 -13.56 -7.90
N TYR A 198 2.30 -12.62 -7.09
CA TYR A 198 2.31 -11.21 -7.52
C TYR A 198 3.20 -11.03 -8.74
N ALA A 199 4.39 -11.61 -8.70
CA ALA A 199 5.34 -11.51 -9.81
C ALA A 199 4.76 -12.11 -11.08
N GLU A 200 4.00 -13.19 -10.95
CA GLU A 200 3.33 -13.81 -12.11
C GLU A 200 2.28 -12.93 -12.73
N ARG A 201 1.44 -12.28 -11.91
CA ARG A 201 0.47 -11.31 -12.40
C ARG A 201 1.15 -10.16 -13.13
N LYS A 202 2.20 -9.62 -12.50
CA LYS A 202 2.92 -8.48 -13.05
C LYS A 202 3.53 -8.87 -14.41
N HIS A 203 4.14 -10.04 -14.47
CA HIS A 203 4.79 -10.48 -15.71
C HIS A 203 3.76 -10.69 -16.84
N ILE A 204 2.63 -11.30 -16.54
CA ILE A 204 1.57 -11.52 -17.55
C ILE A 204 1.01 -10.19 -18.06
N ALA A 205 0.79 -9.26 -17.15
CA ALA A 205 0.23 -7.97 -17.51
C ALA A 205 1.18 -7.19 -18.41
N GLU A 206 2.47 -7.23 -18.09
CA GLU A 206 3.48 -6.53 -18.89
C GLU A 206 3.56 -7.13 -20.28
N GLU A 207 3.51 -8.46 -20.36
CA GLU A 207 3.51 -9.17 -21.63
C GLU A 207 2.27 -8.80 -22.44
N SER A 208 1.12 -8.71 -21.77
CA SER A 208 -0.13 -8.30 -22.38
C SER A 208 -0.04 -6.90 -23.01
N LEU A 209 0.52 -5.94 -22.28
CA LEU A 209 0.77 -4.63 -22.86
C LEU A 209 1.61 -4.70 -24.14
N LYS A 210 2.63 -5.57 -24.15
CA LYS A 210 3.49 -5.65 -25.33
C LYS A 210 2.74 -6.27 -26.53
N ILE A 211 1.94 -7.30 -26.25
CA ILE A 211 1.11 -7.91 -27.28
C ILE A 211 0.18 -6.85 -27.90
N LEU A 212 -0.40 -6.01 -27.04
CA LEU A 212 -1.36 -5.00 -27.47
C LEU A 212 -0.70 -3.74 -28.08
N GLY A 213 0.62 -3.61 -27.90
CA GLY A 213 1.35 -2.44 -28.39
C GLY A 213 0.97 -1.15 -27.68
N LYS A 214 0.68 -1.25 -26.38
CA LYS A 214 0.26 -0.10 -25.59
C LYS A 214 1.16 0.07 -24.39
N GLY A 215 1.32 1.31 -23.92
CA GLY A 215 2.21 1.61 -22.80
C GLY A 215 1.53 1.61 -21.45
N SER A 216 0.20 1.68 -21.45
CA SER A 216 -0.57 1.77 -20.21
C SER A 216 -1.88 1.04 -20.37
N SER A 217 -2.39 0.46 -19.30
CA SER A 217 -3.74 -0.11 -19.36
C SER A 217 -4.86 0.93 -19.58
N LYS A 218 -4.58 2.20 -19.33
CA LYS A 218 -5.56 3.29 -19.57
C LYS A 218 -5.95 3.31 -21.03
N GLU A 219 -5.03 2.89 -21.89
CA GLU A 219 -5.19 2.98 -23.34
C GLU A 219 -5.93 1.77 -23.89
N VAL A 220 -6.33 0.84 -23.01
CA VAL A 220 -6.88 -0.46 -23.42
C VAL A 220 -8.39 -0.57 -23.17
N ARG A 221 -9.11 -1.06 -24.17
CA ARG A 221 -10.56 -1.25 -24.11
C ARG A 221 -10.91 -2.73 -24.08
N GLU A 222 -12.05 -3.09 -23.47
CA GLU A 222 -12.43 -4.49 -23.31
C GLU A 222 -12.53 -5.27 -24.64
N GLY A 223 -12.83 -4.54 -25.72
CA GLY A 223 -12.92 -5.12 -27.06
C GLY A 223 -11.60 -5.64 -27.62
N GLU A 224 -10.49 -4.96 -27.30
CA GLU A 224 -9.16 -5.34 -27.79
C GLU A 224 -8.62 -6.61 -27.15
N LEU A 225 -9.23 -7.04 -26.06
CA LEU A 225 -8.71 -8.13 -25.26
C LEU A 225 -8.82 -9.48 -25.95
N SER A 226 -9.68 -9.57 -26.97
CA SER A 226 -9.80 -10.78 -27.79
C SER A 226 -8.44 -11.14 -28.38
N LYS A 227 -7.60 -10.13 -28.58
CA LYS A 227 -6.27 -10.33 -29.17
C LYS A 227 -5.31 -11.04 -28.23
N LEU A 228 -5.63 -11.07 -26.93
CA LEU A 228 -4.77 -11.69 -25.94
C LEU A 228 -5.07 -13.17 -25.78
N PRO A 229 -4.06 -13.97 -25.39
CA PRO A 229 -4.24 -15.37 -24.99
C PRO A 229 -5.27 -15.44 -23.85
N PRO A 230 -6.05 -16.54 -23.77
CA PRO A 230 -7.10 -16.71 -22.75
C PRO A 230 -6.73 -16.33 -21.30
N LEU A 231 -5.56 -16.76 -20.80
CA LEU A 231 -5.19 -16.43 -19.41
C LEU A 231 -4.83 -14.95 -19.24
N HIS A 232 -4.03 -14.42 -20.18
CA HIS A 232 -3.73 -12.98 -20.26
C HIS A 232 -5.02 -12.17 -20.32
N ARG A 233 -5.97 -12.64 -21.12
CA ARG A 233 -7.26 -11.97 -21.39
C ARG A 233 -8.13 -11.90 -20.13
N LYS A 234 -8.19 -12.99 -19.38
CA LYS A 234 -8.98 -13.07 -18.15
C LYS A 234 -8.45 -12.06 -17.15
N PHE A 235 -7.14 -12.07 -16.96
CA PHE A 235 -6.52 -11.15 -16.01
C PHE A 235 -6.58 -9.70 -16.48
N PHE A 236 -6.32 -9.46 -17.77
CA PHE A 236 -6.36 -8.08 -18.26
C PHE A 236 -7.75 -7.49 -18.24
N GLY A 237 -8.75 -8.36 -18.39
CA GLY A 237 -10.14 -7.96 -18.30
C GLY A 237 -10.44 -7.29 -16.96
N TYR A 238 -9.89 -7.87 -15.91
CA TYR A 238 -10.01 -7.31 -14.57
C TYR A 238 -9.39 -5.90 -14.56
N ILE A 239 -8.19 -5.77 -15.13
CA ILE A 239 -7.45 -4.51 -15.05
C ILE A 239 -8.21 -3.36 -15.70
N VAL A 240 -8.74 -3.62 -16.89
CA VAL A 240 -9.55 -2.65 -17.61
C VAL A 240 -10.80 -2.25 -16.80
N ARG A 241 -11.53 -3.22 -16.26
CA ARG A 241 -12.70 -2.86 -15.46
C ARG A 241 -12.29 -2.08 -14.24
N GLU A 242 -11.15 -2.44 -13.65
CA GLU A 242 -10.68 -1.75 -12.43
C GLU A 242 -10.34 -0.29 -12.71
N ASN A 243 -9.61 -0.01 -13.78
CA ASN A 243 -9.36 1.39 -14.15
C ASN A 243 -10.66 2.20 -14.25
N ALA A 244 -11.66 1.62 -14.90
CA ALA A 244 -12.96 2.30 -15.02
C ALA A 244 -13.58 2.53 -13.64
N ARG A 245 -13.51 1.52 -12.76
CA ARG A 245 -14.03 1.66 -11.40
C ARG A 245 -13.36 2.81 -10.64
N VAL A 246 -12.07 3.02 -10.86
CA VAL A 246 -11.37 4.11 -10.17
C VAL A 246 -11.96 5.48 -10.53
N LEU A 247 -12.21 5.68 -11.81
CA LEU A 247 -12.79 6.93 -12.30
C LEU A 247 -14.21 7.12 -11.74
N GLU A 248 -14.97 6.04 -11.63
CA GLU A 248 -16.31 6.12 -11.03
C GLU A 248 -16.30 6.45 -9.52
N VAL A 249 -15.36 5.86 -8.79
CA VAL A 249 -15.18 6.23 -7.36
C VAL A 249 -14.80 7.70 -7.23
N ARG A 250 -13.91 8.16 -8.09
CA ARG A 250 -13.51 9.55 -8.11
C ARG A 250 -14.76 10.44 -8.22
N ASP A 251 -15.62 10.16 -9.20
CA ASP A 251 -16.81 10.99 -9.41
C ASP A 251 -17.76 10.91 -8.22
N ALA A 252 -17.96 9.70 -7.71
CA ALA A 252 -18.85 9.46 -6.59
C ALA A 252 -18.35 10.13 -5.31
N LEU A 253 -17.05 10.06 -5.04
CA LEU A 253 -16.51 10.76 -3.86
C LEU A 253 -16.67 12.28 -3.94
N LYS A 254 -16.50 12.82 -5.14
CA LYS A 254 -16.56 14.27 -5.32
C LYS A 254 -18.00 14.77 -5.13
N GLU A 255 -18.95 13.86 -5.25
CA GLU A 255 -20.35 14.14 -4.97
C GLU A 255 -20.76 13.76 -3.54
N GLY A 256 -19.84 13.15 -2.79
CA GLY A 256 -20.14 12.69 -1.43
C GLY A 256 -21.04 11.45 -1.43
N ASN A 257 -21.08 10.75 -2.54
CA ASN A 257 -21.98 9.59 -2.68
C ASN A 257 -21.31 8.32 -2.17
N VAL A 258 -21.32 8.17 -0.85
CA VAL A 258 -20.66 7.05 -0.15
C VAL A 258 -21.29 5.72 -0.45
N GLU A 259 -22.62 5.72 -0.58
CA GLU A 259 -23.31 4.51 -0.95
C GLU A 259 -22.81 3.94 -2.29
N GLU A 260 -22.62 4.80 -3.29
CA GLU A 260 -22.11 4.36 -4.58
C GLU A 260 -20.65 3.95 -4.49
N VAL A 261 -19.83 4.70 -3.75
CA VAL A 261 -18.45 4.28 -3.57
C VAL A 261 -18.40 2.84 -3.03
N GLY A 262 -19.22 2.58 -2.02
CA GLY A 262 -19.25 1.25 -1.38
C GLY A 262 -19.64 0.15 -2.35
N LYS A 263 -20.70 0.38 -3.12
CA LYS A 263 -21.11 -0.57 -4.16
C LYS A 263 -19.97 -0.91 -5.14
N ILE A 264 -19.21 0.10 -5.55
CA ILE A 264 -18.09 -0.10 -6.48
C ILE A 264 -16.97 -0.92 -5.83
N LEU A 265 -16.67 -0.67 -4.55
CA LEU A 265 -15.63 -1.44 -3.86
C LEU A 265 -16.01 -2.89 -3.81
N THR A 266 -17.26 -3.16 -3.50
CA THR A 266 -17.74 -4.54 -3.41
C THR A 266 -17.64 -5.28 -4.76
N THR A 267 -18.09 -4.64 -5.82
CA THR A 267 -17.94 -5.17 -7.18
C THR A 267 -16.48 -5.49 -7.47
N ALA A 268 -15.61 -4.56 -7.12
CA ALA A 268 -14.19 -4.70 -7.33
C ALA A 268 -13.64 -5.91 -6.58
N HIS A 269 -14.11 -6.09 -5.35
CA HIS A 269 -13.63 -7.22 -4.58
C HIS A 269 -13.93 -8.54 -5.27
N TRP A 270 -15.19 -8.71 -5.68
CA TRP A 270 -15.56 -9.97 -6.32
C TRP A 270 -14.86 -10.19 -7.66
N ASP A 271 -14.54 -9.11 -8.38
CA ASP A 271 -13.82 -9.20 -9.65
C ASP A 271 -12.40 -9.68 -9.35
N LEU A 272 -11.74 -9.07 -8.38
CA LEU A 272 -10.45 -9.59 -7.86
C LEU A 272 -10.51 -11.06 -7.47
N ALA A 273 -11.52 -11.43 -6.69
CA ALA A 273 -11.65 -12.80 -6.19
C ALA A 273 -11.84 -13.81 -7.31
N LYS A 274 -12.77 -13.52 -8.20
CA LYS A 274 -13.22 -14.51 -9.17
C LYS A 274 -12.40 -14.51 -10.46
N ASN A 275 -12.03 -13.33 -10.94
CA ASN A 275 -11.32 -13.18 -12.21
C ASN A 275 -9.80 -13.02 -12.10
N TYR A 276 -9.34 -12.20 -11.17
CA TYR A 276 -7.89 -12.03 -10.98
C TYR A 276 -7.31 -13.11 -10.08
N GLU A 277 -8.20 -13.80 -9.37
CA GLU A 277 -7.84 -14.93 -8.49
C GLU A 277 -6.77 -14.59 -7.46
N VAL A 278 -6.93 -13.45 -6.78
CA VAL A 278 -5.93 -13.04 -5.78
C VAL A 278 -6.51 -12.88 -4.38
N SER A 279 -7.74 -13.34 -4.18
CA SER A 279 -8.33 -13.29 -2.84
C SER A 279 -8.06 -14.62 -2.11
N CYS A 280 -8.66 -14.79 -0.93
CA CYS A 280 -8.67 -16.06 -0.25
C CYS A 280 -9.92 -16.16 0.61
N LYS A 281 -10.16 -17.32 1.18
CA LYS A 281 -11.42 -17.50 1.89
C LYS A 281 -11.52 -16.58 3.12
N GLU A 282 -10.38 -16.30 3.76
CA GLU A 282 -10.36 -15.43 4.93
C GLU A 282 -10.79 -14.01 4.56
N LEU A 283 -10.27 -13.52 3.43
CA LEU A 283 -10.63 -12.18 2.95
C LEU A 283 -12.09 -12.12 2.55
N ASP A 284 -12.56 -13.14 1.84
CA ASP A 284 -13.93 -13.17 1.35
C ASP A 284 -14.89 -13.27 2.52
N PHE A 285 -14.51 -14.00 3.57
CA PHE A 285 -15.34 -14.07 4.77
C PHE A 285 -15.53 -12.68 5.34
N PHE A 286 -14.44 -11.93 5.50
CA PHE A 286 -14.57 -10.57 6.03
C PHE A 286 -15.51 -9.72 5.20
N VAL A 287 -15.31 -9.70 3.88
CA VAL A 287 -16.13 -8.88 2.98
C VAL A 287 -17.60 -9.24 3.10
N GLU A 288 -17.91 -10.53 3.00
CA GLU A 288 -19.31 -10.94 3.05
C GLU A 288 -19.94 -10.54 4.38
N ARG A 289 -19.27 -10.83 5.48
CA ARG A 289 -19.85 -10.50 6.78
C ARG A 289 -19.97 -8.97 7.01
N ALA A 290 -18.99 -8.21 6.57
CA ALA A 290 -19.04 -6.75 6.71
C ALA A 290 -20.26 -6.20 6.00
N LEU A 291 -20.57 -6.73 4.82
CA LEU A 291 -21.77 -6.30 4.09
C LEU A 291 -23.07 -6.65 4.81
N LYS A 292 -23.15 -7.86 5.34
CA LYS A 292 -24.33 -8.24 6.13
C LYS A 292 -24.52 -7.35 7.35
N LEU A 293 -23.41 -6.90 7.95
CA LEU A 293 -23.43 -6.04 9.16
C LEU A 293 -23.58 -4.54 8.86
N GLY A 294 -23.76 -4.19 7.58
CA GLY A 294 -24.16 -2.85 7.19
C GLY A 294 -23.10 -1.94 6.55
N ALA A 295 -21.91 -2.49 6.30
CA ALA A 295 -20.90 -1.69 5.56
C ALA A 295 -21.44 -1.22 4.21
N TYR A 296 -21.01 -0.02 3.82
CA TYR A 296 -21.37 0.49 2.49
C TYR A 296 -20.76 -0.36 1.40
N GLY A 297 -19.56 -0.84 1.67
CA GLY A 297 -18.86 -1.74 0.76
C GLY A 297 -17.62 -2.26 1.46
N ALA A 298 -17.04 -3.30 0.90
CA ALA A 298 -15.79 -3.84 1.45
C ALA A 298 -14.96 -4.47 0.33
N ARG A 299 -13.64 -4.55 0.56
CA ARG A 299 -12.70 -5.03 -0.46
C ARG A 299 -11.37 -5.42 0.19
N LEU A 300 -10.68 -6.40 -0.37
CA LEU A 300 -9.31 -6.61 0.06
C LEU A 300 -8.52 -5.35 -0.31
N THR A 301 -7.42 -5.10 0.39
CA THR A 301 -6.56 -3.98 0.03
C THR A 301 -5.13 -4.52 -0.17
N GLY A 302 -4.42 -3.93 -1.12
CA GLY A 302 -3.07 -4.39 -1.41
C GLY A 302 -3.07 -5.58 -2.35
N ALA A 303 -2.06 -6.43 -2.22
CA ALA A 303 -1.79 -7.48 -3.21
C ALA A 303 -2.78 -8.62 -3.20
N GLY A 304 -3.33 -8.92 -2.02
CA GLY A 304 -4.25 -10.05 -1.87
C GLY A 304 -3.48 -11.23 -1.27
N PHE A 305 -4.03 -12.43 -1.45
CA PHE A 305 -3.48 -13.68 -0.88
C PHE A 305 -3.23 -13.62 0.63
N GLY A 306 -4.14 -12.99 1.36
CA GLY A 306 -3.93 -12.74 2.78
C GLY A 306 -3.83 -11.25 3.02
N GLY A 307 -3.17 -10.85 4.10
CA GLY A 307 -3.04 -9.41 4.37
C GLY A 307 -4.36 -8.90 4.87
N SER A 308 -4.71 -7.68 4.47
CA SER A 308 -5.83 -7.00 5.08
C SER A 308 -6.92 -6.69 4.07
N ALA A 309 -8.13 -6.52 4.61
CA ALA A 309 -9.26 -6.00 3.83
C ALA A 309 -9.78 -4.72 4.51
N ILE A 310 -10.53 -3.95 3.76
CA ILE A 310 -11.16 -2.75 4.31
C ILE A 310 -12.67 -2.81 4.18
N ALA A 311 -13.35 -2.09 5.08
CA ALA A 311 -14.80 -1.90 4.92
C ALA A 311 -15.09 -0.45 5.21
N LEU A 312 -15.96 0.14 4.40
CA LEU A 312 -16.40 1.51 4.66
C LEU A 312 -17.65 1.44 5.50
N VAL A 313 -17.62 2.03 6.70
CA VAL A 313 -18.70 1.88 7.66
C VAL A 313 -19.01 3.22 8.34
N ASP A 314 -20.24 3.41 8.80
CA ASP A 314 -20.52 4.59 9.63
C ASP A 314 -19.61 4.60 10.85
N LYS A 315 -19.07 5.77 11.17
CA LYS A 315 -18.14 5.94 12.29
C LYS A 315 -18.66 5.32 13.60
N GLU A 316 -19.93 5.54 13.90
CA GLU A 316 -20.53 5.10 15.17
C GLU A 316 -20.77 3.59 15.21
N ASP A 317 -20.58 2.92 14.09
CA ASP A 317 -20.78 1.47 13.97
C ASP A 317 -19.48 0.67 13.80
N ALA A 318 -18.37 1.37 13.58
CA ALA A 318 -17.10 0.72 13.19
C ALA A 318 -16.55 -0.25 14.23
N GLU A 319 -16.58 0.15 15.49
CA GLU A 319 -16.06 -0.67 16.57
C GLU A 319 -16.88 -1.94 16.70
N THR A 320 -18.21 -1.78 16.73
CA THR A 320 -19.14 -2.91 16.88
C THR A 320 -19.00 -3.91 15.73
N ILE A 321 -18.98 -3.41 14.51
CA ILE A 321 -18.83 -4.31 13.36
C ILE A 321 -17.50 -5.06 13.41
N GLY A 322 -16.42 -4.34 13.74
CA GLY A 322 -15.10 -4.96 13.80
C GLY A 322 -15.05 -6.06 14.84
N GLU A 323 -15.59 -5.78 16.03
CA GLU A 323 -15.63 -6.75 17.13
C GLU A 323 -16.47 -7.99 16.78
N GLU A 324 -17.63 -7.79 16.16
CA GLU A 324 -18.57 -8.88 15.88
C GLU A 324 -17.94 -9.81 14.84
N ILE A 325 -17.37 -9.22 13.79
CA ILE A 325 -16.68 -10.03 12.76
C ILE A 325 -15.46 -10.75 13.33
N LEU A 326 -14.65 -10.06 14.12
CA LEU A 326 -13.45 -10.72 14.67
C LEU A 326 -13.85 -11.93 15.48
N ARG A 327 -14.90 -11.78 16.29
CA ARG A 327 -15.32 -12.90 17.14
C ARG A 327 -15.74 -14.10 16.27
N GLU A 328 -16.51 -13.85 15.21
CA GLU A 328 -16.93 -14.93 14.29
C GLU A 328 -15.71 -15.54 13.61
N TYR A 329 -14.81 -14.67 13.19
CA TYR A 329 -13.62 -15.09 12.45
C TYR A 329 -12.74 -16.03 13.23
N LEU A 330 -12.51 -15.71 14.50
CA LEU A 330 -11.60 -16.52 15.33
C LEU A 330 -12.15 -17.90 15.64
N LYS A 331 -13.46 -18.06 15.49
CA LYS A 331 -14.07 -19.39 15.65
C LYS A 331 -13.86 -20.23 14.40
N ARG A 332 -13.61 -19.56 13.28
CA ARG A 332 -13.53 -20.21 11.98
C ARG A 332 -12.10 -20.46 11.52
N PHE A 333 -11.17 -19.55 11.85
CA PHE A 333 -9.82 -19.56 11.32
C PHE A 333 -8.77 -19.44 12.45
N PRO A 334 -7.60 -20.12 12.29
CA PRO A 334 -6.62 -20.21 13.39
C PRO A 334 -5.64 -19.04 13.53
N TRP A 335 -5.80 -17.99 12.74
CA TRP A 335 -4.81 -16.91 12.69
C TRP A 335 -5.06 -15.77 13.68
N LYS A 336 -4.00 -15.03 13.97
CA LYS A 336 -4.07 -13.89 14.89
C LYS A 336 -4.58 -12.65 14.14
N ALA A 337 -5.84 -12.71 13.73
CA ALA A 337 -6.53 -11.57 13.10
C ALA A 337 -6.65 -10.37 14.06
N ARG A 338 -6.72 -9.17 13.46
CA ARG A 338 -6.80 -7.94 14.24
C ARG A 338 -7.64 -6.96 13.44
N HIS A 339 -8.33 -6.05 14.11
CA HIS A 339 -9.01 -4.94 13.42
C HIS A 339 -8.49 -3.59 13.89
N PHE A 340 -8.54 -2.60 12.98
CA PHE A 340 -8.08 -1.24 13.26
C PHE A 340 -9.09 -0.32 12.63
N ILE A 341 -9.38 0.81 13.28
CA ILE A 341 -10.16 1.85 12.61
C ILE A 341 -9.15 2.92 12.22
N VAL A 342 -9.09 3.26 10.94
CA VAL A 342 -8.13 4.25 10.51
C VAL A 342 -8.80 5.39 9.78
N GLU A 343 -8.08 6.50 9.71
CA GLU A 343 -8.53 7.66 8.97
C GLU A 343 -7.45 8.15 8.00
N PRO A 344 -7.87 8.79 6.90
CA PRO A 344 -6.87 9.38 5.98
C PRO A 344 -6.01 10.44 6.66
N SER A 345 -4.70 10.30 6.50
CA SER A 345 -3.71 11.07 7.23
C SER A 345 -2.71 11.78 6.35
N ASP A 346 -1.92 12.66 6.97
CA ASP A 346 -0.82 13.31 6.28
C ASP A 346 0.28 12.30 5.97
N GLY A 347 1.07 12.58 4.94
CA GLY A 347 2.24 11.78 4.59
C GLY A 347 3.41 11.98 5.56
N VAL A 348 4.56 11.41 5.21
CA VAL A 348 5.73 11.40 6.12
C VAL A 348 6.13 12.82 6.52
N GLY A 349 6.52 13.00 7.78
CA GLY A 349 7.05 14.28 8.21
C GLY A 349 7.60 14.22 9.62
N ILE A 350 7.93 15.40 10.11
CA ILE A 350 8.36 15.62 11.48
C ILE A 350 7.34 16.62 12.03
#